data_5FYA
#
_entry.id   5FYA
#
_cell.length_a   145.906
_cell.length_b   145.906
_cell.length_c   145.906
_cell.angle_alpha   90.00
_cell.angle_beta   90.00
_cell.angle_gamma   90.00
#
_symmetry.space_group_name_H-M   'P 21 3'
#
loop_
_entity.id
_entity.type
_entity.pdbx_description
1 polymer 'PATATIN-LIKE PROTEIN, PLPD'
2 water water
#
_entity_poly.entity_id   1
_entity_poly.type   'polypeptide(L)'
_entity_poly.pdbx_seq_one_letter_code
;EARPKIGLVLSGGAARGLAHIGVLKALDEQGIQIDAIAGTSMGAVVGGLYASGYTPAELERIALEMDWQQALSDAPPRKD
VPFRRKQDDRDFLVKQKISFRDDGTLGLPLGVIQGQNLAMVLESLLVHTSDNRDFDKLAIPFRAVSTDIATGEKVVFRKG
HLPQAIRASMSIPAVFAPVEIDGRLLVDGGMVDNIPVDVARDMGVDVVIVVDIGNPLRDRKDLSTVLDVMNQSITLMTRK
NSEAQLATLKPGDVLIQPPLSGYGTTDFGRVPQLIDAGYRATTVLAARLAELRKPKDLNSEALDVARTPNQRKP
;
_entity_poly.pdbx_strand_id   A,B
#
# COMPACT_ATOMS: atom_id res chain seq x y z
N PRO A 4 -37.44 0.23 -4.68
CA PRO A 4 -36.11 0.63 -4.20
C PRO A 4 -35.04 0.44 -5.27
N LYS A 5 -34.23 1.46 -5.48
CA LYS A 5 -33.15 1.41 -6.47
C LYS A 5 -32.01 0.52 -5.98
N ILE A 6 -31.59 -0.41 -6.83
CA ILE A 6 -30.57 -1.39 -6.47
C ILE A 6 -29.28 -1.15 -7.23
N GLY A 7 -28.20 -0.93 -6.49
CA GLY A 7 -26.88 -0.80 -7.09
C GLY A 7 -26.09 -2.08 -6.93
N LEU A 8 -25.24 -2.38 -7.90
CA LEU A 8 -24.39 -3.56 -7.82
C LEU A 8 -22.93 -3.16 -7.79
N VAL A 9 -22.22 -3.61 -6.75
CA VAL A 9 -20.82 -3.28 -6.56
C VAL A 9 -19.97 -4.51 -6.80
N LEU A 10 -19.13 -4.47 -7.82
CA LEU A 10 -18.27 -5.62 -8.15
C LEU A 10 -16.82 -5.33 -7.79
N SER A 11 -16.30 -6.06 -6.81
CA SER A 11 -14.96 -5.81 -6.29
C SER A 11 -13.88 -6.11 -7.32
N GLY A 12 -12.72 -5.51 -7.09
CA GLY A 12 -11.60 -5.67 -8.00
C GLY A 12 -10.92 -7.02 -7.86
N GLY A 13 -10.09 -7.34 -8.84
CA GLY A 13 -9.34 -8.57 -8.85
C GLY A 13 -8.96 -8.93 -10.26
N ALA A 14 -8.45 -10.15 -10.44
CA ALA A 14 -8.10 -10.63 -11.77
C ALA A 14 -8.96 -11.84 -12.13
N ALA A 15 -8.37 -13.03 -12.10
CA ALA A 15 -9.10 -14.24 -12.47
C ALA A 15 -10.34 -14.46 -11.61
N ARG A 16 -10.22 -14.22 -10.31
CA ARG A 16 -11.32 -14.40 -9.38
C ARG A 16 -12.54 -13.58 -9.76
N GLY A 17 -12.30 -12.44 -10.40
CA GLY A 17 -13.37 -11.57 -10.87
C GLY A 17 -14.31 -12.22 -11.87
N LEU A 18 -13.88 -13.33 -12.47
CA LEU A 18 -14.75 -14.06 -13.38
C LEU A 18 -15.97 -14.58 -12.63
N ALA A 19 -15.81 -14.81 -11.33
CA ALA A 19 -16.94 -15.19 -10.48
C ALA A 19 -18.12 -14.21 -10.60
N HIS A 20 -17.82 -12.94 -10.88
CA HIS A 20 -18.85 -11.92 -11.05
C HIS A 20 -19.87 -12.34 -12.11
N ILE A 21 -19.39 -12.96 -13.19
CA ILE A 21 -20.27 -13.44 -14.25
C ILE A 21 -21.35 -14.33 -13.65
N GLY A 22 -20.91 -15.27 -12.82
CA GLY A 22 -21.82 -16.16 -12.13
C GLY A 22 -22.89 -15.37 -11.41
N VAL A 23 -22.45 -14.39 -10.62
CA VAL A 23 -23.40 -13.59 -9.84
C VAL A 23 -24.43 -13.00 -10.79
N LEU A 24 -23.96 -12.43 -11.90
CA LEU A 24 -24.85 -11.81 -12.86
C LEU A 24 -25.84 -12.83 -13.38
N LYS A 25 -25.33 -14.01 -13.73
CA LYS A 25 -26.17 -15.07 -14.27
C LYS A 25 -27.26 -15.43 -13.27
N ALA A 26 -26.94 -15.39 -11.99
CA ALA A 26 -27.92 -15.76 -10.98
C ALA A 26 -28.94 -14.63 -10.83
N LEU A 27 -28.45 -13.39 -10.83
CA LEU A 27 -29.32 -12.24 -10.60
C LEU A 27 -30.41 -12.16 -11.68
N ASP A 28 -29.99 -12.21 -12.95
CA ASP A 28 -30.95 -12.22 -14.05
C ASP A 28 -31.89 -13.39 -13.93
N GLU A 29 -31.41 -14.50 -13.41
CA GLU A 29 -32.23 -15.70 -13.31
C GLU A 29 -33.31 -15.49 -12.26
N GLN A 30 -33.00 -14.67 -11.26
CA GLN A 30 -33.93 -14.42 -10.16
C GLN A 30 -34.78 -13.19 -10.42
N GLY A 31 -34.57 -12.54 -11.56
CA GLY A 31 -35.34 -11.36 -11.93
C GLY A 31 -35.03 -10.15 -11.08
N ILE A 32 -33.81 -10.06 -10.59
CA ILE A 32 -33.38 -8.92 -9.80
C ILE A 32 -32.84 -7.82 -10.72
N GLN A 33 -33.54 -6.70 -10.79
CA GLN A 33 -33.12 -5.60 -11.66
C GLN A 33 -32.06 -4.71 -11.02
N ILE A 34 -30.97 -4.49 -11.74
CA ILE A 34 -29.90 -3.61 -11.30
C ILE A 34 -30.06 -2.22 -11.92
N ASP A 35 -30.00 -1.20 -11.08
CA ASP A 35 -30.20 0.17 -11.55
C ASP A 35 -28.88 0.95 -11.67
N ALA A 36 -27.81 0.39 -11.13
CA ALA A 36 -26.50 1.03 -11.17
C ALA A 36 -25.40 0.00 -10.90
N ILE A 37 -24.27 0.17 -11.55
CA ILE A 37 -23.14 -0.72 -11.38
C ILE A 37 -21.86 0.08 -11.15
N ALA A 38 -21.12 -0.27 -10.10
CA ALA A 38 -19.82 0.34 -9.86
C ALA A 38 -18.80 -0.77 -9.74
N GLY A 39 -17.66 -0.61 -10.41
CA GLY A 39 -16.65 -1.66 -10.40
C GLY A 39 -15.20 -1.22 -10.44
N THR A 40 -14.32 -2.15 -10.02
CA THR A 40 -12.88 -1.94 -10.07
C THR A 40 -12.23 -3.13 -10.77
N SER A 41 -11.23 -2.85 -11.59
CA SER A 41 -10.54 -3.89 -12.39
C SER A 41 -11.48 -4.91 -13.03
N MET A 42 -11.36 -6.19 -12.65
CA MET A 42 -12.19 -7.21 -13.30
C MET A 42 -13.67 -7.00 -12.99
N GLY A 43 -13.96 -6.39 -11.84
CA GLY A 43 -15.31 -5.97 -11.53
C GLY A 43 -15.77 -4.91 -12.50
N ALA A 44 -14.86 -4.03 -12.90
CA ALA A 44 -15.17 -3.01 -13.89
C ALA A 44 -15.31 -3.62 -15.29
N VAL A 45 -14.54 -4.67 -15.57
CA VAL A 45 -14.62 -5.33 -16.86
C VAL A 45 -15.96 -6.07 -17.03
N VAL A 46 -16.24 -6.98 -16.10
CA VAL A 46 -17.49 -7.73 -16.14
C VAL A 46 -18.71 -6.80 -16.00
N GLY A 47 -18.65 -5.92 -15.01
CA GLY A 47 -19.74 -4.99 -14.73
C GLY A 47 -19.99 -4.02 -15.86
N GLY A 48 -18.92 -3.55 -16.49
CA GLY A 48 -19.01 -2.60 -17.59
C GLY A 48 -19.50 -3.24 -18.88
N LEU A 49 -19.03 -4.46 -19.15
CA LEU A 49 -19.52 -5.20 -20.31
C LEU A 49 -21.01 -5.49 -20.14
N TYR A 50 -21.38 -5.87 -18.92
CA TYR A 50 -22.79 -6.11 -18.61
C TYR A 50 -23.61 -4.82 -18.77
N ALA A 51 -23.04 -3.71 -18.32
CA ALA A 51 -23.71 -2.42 -18.37
C ALA A 51 -23.86 -1.90 -19.78
N SER A 52 -22.95 -2.32 -20.66
CA SER A 52 -22.99 -1.89 -22.07
C SER A 52 -24.11 -2.59 -22.82
N GLY A 53 -24.52 -3.75 -22.34
CA GLY A 53 -25.62 -4.48 -22.96
C GLY A 53 -25.43 -5.98 -23.08
N TYR A 54 -24.27 -6.48 -22.67
CA TYR A 54 -24.00 -7.91 -22.74
C TYR A 54 -24.84 -8.70 -21.75
N THR A 55 -25.30 -9.88 -22.16
CA THR A 55 -26.00 -10.78 -21.25
C THR A 55 -24.98 -11.63 -20.53
N PRO A 56 -25.32 -12.11 -19.33
CA PRO A 56 -24.43 -13.01 -18.58
C PRO A 56 -24.00 -14.23 -19.39
N ALA A 57 -24.92 -14.79 -20.18
CA ALA A 57 -24.59 -15.91 -21.05
C ALA A 57 -23.49 -15.54 -22.05
N GLU A 58 -23.62 -14.36 -22.65
CA GLU A 58 -22.62 -13.85 -23.59
C GLU A 58 -21.26 -13.66 -22.91
N LEU A 59 -21.28 -13.16 -21.67
CA LEU A 59 -20.04 -12.94 -20.94
C LEU A 59 -19.39 -14.26 -20.56
N GLU A 60 -20.21 -15.27 -20.28
CA GLU A 60 -19.71 -16.59 -19.94
C GLU A 60 -19.03 -17.20 -21.16
N ARG A 61 -19.70 -17.07 -22.31
CA ARG A 61 -19.15 -17.56 -23.57
C ARG A 61 -17.81 -16.87 -23.87
N ILE A 62 -17.79 -15.55 -23.78
CA ILE A 62 -16.59 -14.76 -24.02
C ILE A 62 -15.45 -15.21 -23.10
N ALA A 63 -15.77 -15.41 -21.82
CA ALA A 63 -14.77 -15.85 -20.85
C ALA A 63 -14.22 -17.24 -21.20
N LEU A 64 -15.11 -18.13 -21.64
CA LEU A 64 -14.72 -19.50 -21.94
C LEU A 64 -13.88 -19.64 -23.22
N GLU A 65 -14.16 -18.79 -24.20
CA GLU A 65 -13.46 -18.88 -25.48
C GLU A 65 -12.22 -17.98 -25.54
N MET A 66 -12.00 -17.21 -24.48
CA MET A 66 -10.87 -16.30 -24.41
C MET A 66 -9.53 -17.04 -24.30
N ASP A 67 -8.53 -16.56 -25.06
CA ASP A 67 -7.18 -17.09 -24.95
C ASP A 67 -6.38 -16.20 -23.99
N TRP A 68 -6.54 -16.46 -22.69
CA TRP A 68 -5.90 -15.64 -21.66
C TRP A 68 -4.38 -15.71 -21.73
N GLN A 69 -3.86 -16.93 -21.80
CA GLN A 69 -2.42 -17.18 -21.78
C GLN A 69 -1.66 -16.35 -22.80
N GLN A 70 -2.33 -16.02 -23.91
CA GLN A 70 -1.73 -15.26 -24.99
C GLN A 70 -1.77 -13.75 -24.72
N ALA A 71 -2.95 -13.24 -24.41
CA ALA A 71 -3.16 -11.80 -24.23
C ALA A 71 -2.30 -11.23 -23.10
N LEU A 108 10.08 -3.34 -26.92
CA LEU A 108 8.86 -2.77 -26.36
C LEU A 108 8.40 -3.56 -25.15
N PRO A 109 8.37 -2.92 -23.97
CA PRO A 109 8.08 -3.54 -22.67
C PRO A 109 6.84 -4.44 -22.66
N LEU A 110 6.92 -5.52 -21.88
CA LEU A 110 5.85 -6.52 -21.81
C LEU A 110 4.56 -5.94 -21.27
N GLY A 111 4.66 -5.05 -20.30
CA GLY A 111 3.50 -4.41 -19.72
C GLY A 111 2.83 -3.47 -20.71
N VAL A 112 3.65 -2.85 -21.55
CA VAL A 112 3.16 -1.99 -22.61
C VAL A 112 2.41 -2.82 -23.65
N ILE A 113 3.03 -3.91 -24.09
CA ILE A 113 2.40 -4.80 -25.06
C ILE A 113 1.07 -5.35 -24.54
N GLN A 114 1.09 -5.88 -23.32
CA GLN A 114 -0.12 -6.46 -22.74
C GLN A 114 -1.18 -5.40 -22.47
N GLY A 115 -0.75 -4.17 -22.19
CA GLY A 115 -1.67 -3.05 -22.08
C GLY A 115 -2.35 -2.79 -23.42
N GLN A 116 -1.57 -2.83 -24.48
CA GLN A 116 -2.11 -2.66 -25.82
C GLN A 116 -3.12 -3.75 -26.16
N ASN A 117 -2.77 -5.00 -25.83
CA ASN A 117 -3.65 -6.12 -26.10
C ASN A 117 -4.96 -6.00 -25.34
N LEU A 118 -4.86 -5.63 -24.07
CA LEU A 118 -6.02 -5.36 -23.24
C LEU A 118 -6.92 -4.33 -23.89
N ALA A 119 -6.33 -3.19 -24.25
CA ALA A 119 -7.06 -2.11 -24.92
C ALA A 119 -7.75 -2.58 -26.19
N MET A 120 -7.06 -3.39 -26.99
CA MET A 120 -7.62 -3.88 -28.25
C MET A 120 -8.83 -4.78 -28.03
N VAL A 121 -8.70 -5.70 -27.08
CA VAL A 121 -9.80 -6.60 -26.75
C VAL A 121 -11.01 -5.83 -26.23
N LEU A 122 -10.79 -4.92 -25.28
CA LEU A 122 -11.89 -4.12 -24.76
C LEU A 122 -12.56 -3.27 -25.84
N GLU A 123 -11.76 -2.59 -26.65
CA GLU A 123 -12.28 -1.77 -27.74
C GLU A 123 -13.10 -2.59 -28.72
N SER A 124 -12.63 -3.80 -29.00
CA SER A 124 -13.34 -4.69 -29.92
C SER A 124 -14.69 -5.15 -29.33
N LEU A 125 -14.67 -5.52 -28.04
CA LEU A 125 -15.90 -5.97 -27.38
C LEU A 125 -16.92 -4.84 -27.20
N LEU A 126 -16.44 -3.61 -27.07
CA LEU A 126 -17.29 -2.48 -26.75
C LEU A 126 -17.48 -1.50 -27.91
N VAL A 127 -17.33 -2.01 -29.14
CA VAL A 127 -17.42 -1.17 -30.33
C VAL A 127 -18.78 -0.48 -30.46
N HIS A 128 -19.82 -1.14 -29.95
CA HIS A 128 -21.17 -0.59 -30.04
C HIS A 128 -21.36 0.65 -29.14
N THR A 129 -20.44 0.88 -28.23
CA THR A 129 -20.49 2.09 -27.40
C THR A 129 -19.62 3.22 -27.97
N SER A 130 -19.20 3.07 -29.22
CA SER A 130 -18.30 4.00 -29.88
C SER A 130 -18.71 5.46 -29.76
N ASP A 131 -20.00 5.73 -29.94
CA ASP A 131 -20.54 7.09 -29.91
C ASP A 131 -21.08 7.52 -28.55
N ASN A 132 -20.92 6.66 -27.53
CA ASN A 132 -21.34 7.02 -26.18
C ASN A 132 -20.30 7.90 -25.49
N ARG A 133 -20.74 8.81 -24.63
CA ARG A 133 -19.82 9.60 -23.81
C ARG A 133 -20.26 9.66 -22.35
N ASP A 134 -21.54 9.42 -22.10
CA ASP A 134 -22.11 9.52 -20.75
C ASP A 134 -22.43 8.14 -20.20
N PHE A 135 -21.70 7.71 -19.18
CA PHE A 135 -21.87 6.35 -18.65
C PHE A 135 -23.26 6.14 -18.01
N ASP A 136 -23.96 7.22 -17.71
CA ASP A 136 -25.33 7.10 -17.20
C ASP A 136 -26.31 6.74 -18.30
N LYS A 137 -25.88 6.87 -19.55
CA LYS A 137 -26.73 6.59 -20.69
C LYS A 137 -26.48 5.22 -21.31
N LEU A 138 -25.65 4.41 -20.66
CA LEU A 138 -25.48 3.02 -21.07
C LEU A 138 -26.76 2.26 -20.75
N ALA A 139 -26.81 0.97 -21.09
CA ALA A 139 -28.00 0.17 -20.80
C ALA A 139 -28.28 0.19 -19.31
N ILE A 140 -27.20 0.20 -18.52
CA ILE A 140 -27.29 0.39 -17.08
C ILE A 140 -26.18 1.35 -16.67
N PRO A 141 -26.54 2.41 -15.92
CA PRO A 141 -25.54 3.39 -15.45
C PRO A 141 -24.32 2.69 -14.83
N PHE A 142 -23.13 3.20 -15.14
CA PHE A 142 -21.90 2.52 -14.76
C PHE A 142 -20.81 3.49 -14.27
N ARG A 143 -20.03 3.05 -13.29
CA ARG A 143 -18.85 3.79 -12.86
C ARG A 143 -17.66 2.84 -12.73
N ALA A 144 -16.48 3.31 -13.14
CA ALA A 144 -15.29 2.47 -12.95
C ALA A 144 -14.26 3.20 -12.11
N VAL A 145 -13.46 2.47 -11.35
CA VAL A 145 -12.53 3.11 -10.42
C VAL A 145 -11.04 2.87 -10.70
N SER A 146 -10.27 3.95 -10.79
CA SER A 146 -8.83 3.87 -10.93
C SER A 146 -8.09 4.66 -9.85
N THR A 147 -6.78 4.49 -9.82
CA THR A 147 -5.91 5.26 -8.93
C THR A 147 -5.02 6.17 -9.76
N ASP A 148 -5.02 7.46 -9.44
CA ASP A 148 -4.02 8.37 -10.01
C ASP A 148 -2.70 8.02 -9.34
N ILE A 149 -1.77 7.48 -10.12
CA ILE A 149 -0.53 6.96 -9.54
C ILE A 149 0.44 8.08 -9.14
N ALA A 150 0.22 9.28 -9.67
CA ALA A 150 1.05 10.42 -9.28
C ALA A 150 0.65 11.01 -7.91
N THR A 151 -0.63 10.95 -7.58
CA THR A 151 -1.12 11.61 -6.37
C THR A 151 -1.78 10.66 -5.38
N GLY A 152 -2.13 9.46 -5.83
CA GLY A 152 -2.80 8.50 -4.98
C GLY A 152 -4.30 8.73 -4.90
N GLU A 153 -4.80 9.73 -5.63
CA GLU A 153 -6.21 10.07 -5.58
C GLU A 153 -7.09 9.02 -6.27
N LYS A 154 -8.29 8.82 -5.72
CA LYS A 154 -9.26 7.98 -6.39
C LYS A 154 -9.81 8.72 -7.60
N VAL A 155 -9.89 8.02 -8.72
CA VAL A 155 -10.44 8.59 -9.94
C VAL A 155 -11.64 7.75 -10.37
N VAL A 156 -12.81 8.38 -10.41
CA VAL A 156 -14.04 7.69 -10.78
C VAL A 156 -14.47 8.08 -12.20
N PHE A 157 -14.57 7.09 -13.08
CA PHE A 157 -15.00 7.32 -14.45
C PHE A 157 -16.51 7.18 -14.59
N ARG A 158 -17.11 8.27 -15.06
CA ARG A 158 -18.55 8.41 -15.30
C ARG A 158 -18.80 8.90 -16.71
N LYS A 159 -17.72 9.22 -17.44
CA LYS A 159 -17.86 9.75 -18.79
C LYS A 159 -16.60 9.54 -19.62
N GLY A 160 -16.74 9.69 -20.93
CA GLY A 160 -15.61 9.57 -21.85
C GLY A 160 -15.72 8.37 -22.76
N HIS A 161 -14.66 7.58 -22.81
CA HIS A 161 -14.61 6.40 -23.65
C HIS A 161 -14.58 5.16 -22.77
N LEU A 162 -15.69 4.43 -22.77
CA LEU A 162 -15.88 3.28 -21.87
C LEU A 162 -14.74 2.24 -21.87
N PRO A 163 -14.28 1.81 -23.07
CA PRO A 163 -13.18 0.85 -23.04
C PRO A 163 -11.89 1.38 -22.41
N GLN A 164 -11.61 2.68 -22.57
CA GLN A 164 -10.42 3.27 -21.96
C GLN A 164 -10.56 3.38 -20.44
N ALA A 165 -11.76 3.71 -19.98
CA ALA A 165 -12.03 3.79 -18.55
C ALA A 165 -11.86 2.42 -17.91
N ILE A 166 -12.50 1.42 -18.53
CA ILE A 166 -12.38 0.04 -18.04
C ILE A 166 -10.92 -0.42 -18.04
N ARG A 167 -10.20 -0.12 -19.12
CA ARG A 167 -8.79 -0.46 -19.22
C ARG A 167 -7.96 0.18 -18.11
N ALA A 168 -8.19 1.45 -17.85
CA ALA A 168 -7.49 2.16 -16.79
C ALA A 168 -7.76 1.49 -15.45
N SER A 169 -9.03 1.15 -15.21
CA SER A 169 -9.43 0.51 -13.96
C SER A 169 -8.86 -0.91 -13.82
N MET A 170 -8.47 -1.49 -14.95
CA MET A 170 -7.99 -2.87 -14.99
C MET A 170 -6.46 -2.92 -15.00
N SER A 171 -5.84 -1.75 -14.98
CA SER A 171 -4.38 -1.69 -15.19
C SER A 171 -3.54 -2.06 -13.96
N ILE A 172 -3.54 -3.34 -13.63
CA ILE A 172 -2.75 -3.87 -12.53
C ILE A 172 -1.27 -3.60 -12.79
N PRO A 173 -0.60 -2.92 -11.84
CA PRO A 173 0.84 -2.68 -11.95
C PRO A 173 1.58 -3.99 -12.14
N ALA A 174 2.69 -3.95 -12.88
CA ALA A 174 3.50 -5.13 -13.19
C ALA A 174 2.81 -6.17 -14.08
N VAL A 175 1.59 -5.87 -14.52
CA VAL A 175 0.94 -6.69 -15.54
C VAL A 175 0.62 -5.82 -16.76
N PHE A 176 0.02 -4.67 -16.50
CA PHE A 176 -0.31 -3.72 -17.57
C PHE A 176 0.30 -2.36 -17.29
N ALA A 177 0.87 -1.73 -18.32
CA ALA A 177 1.41 -0.39 -18.17
C ALA A 177 0.29 0.58 -17.81
N PRO A 178 0.60 1.62 -17.03
CA PRO A 178 -0.38 2.65 -16.67
C PRO A 178 -0.95 3.34 -17.90
N VAL A 179 -2.19 3.82 -17.79
CA VAL A 179 -2.86 4.47 -18.91
C VAL A 179 -3.02 5.96 -18.61
N GLU A 180 -2.83 6.79 -19.63
CA GLU A 180 -3.04 8.22 -19.47
C GLU A 180 -4.39 8.68 -20.01
N ILE A 181 -5.21 9.25 -19.13
CA ILE A 181 -6.50 9.82 -19.52
C ILE A 181 -6.65 11.21 -18.93
N ASP A 182 -6.92 12.19 -19.79
CA ASP A 182 -7.11 13.59 -19.37
C ASP A 182 -5.96 14.11 -18.52
N GLY A 183 -4.73 13.81 -18.92
CA GLY A 183 -3.56 14.27 -18.20
C GLY A 183 -3.24 13.52 -16.91
N ARG A 184 -4.02 12.49 -16.60
CA ARG A 184 -3.73 11.68 -15.41
C ARG A 184 -3.15 10.32 -15.80
N LEU A 185 -2.09 9.91 -15.10
CA LEU A 185 -1.52 8.58 -15.28
C LEU A 185 -2.21 7.64 -14.28
N LEU A 186 -2.83 6.59 -14.80
CA LEU A 186 -3.76 5.82 -13.99
C LEU A 186 -3.44 4.33 -13.91
N VAL A 187 -3.54 3.78 -12.70
CA VAL A 187 -3.44 2.34 -12.49
C VAL A 187 -4.79 1.85 -11.95
N ASP A 188 -4.89 0.55 -11.68
CA ASP A 188 -6.16 0.01 -11.20
C ASP A 188 -6.57 0.61 -9.87
N GLY A 189 -7.87 0.61 -9.60
CA GLY A 189 -8.41 1.30 -8.43
C GLY A 189 -8.28 0.52 -7.14
N GLY A 190 -7.78 -0.71 -7.24
CA GLY A 190 -7.74 -1.63 -6.13
C GLY A 190 -7.08 -1.10 -4.87
N MET A 191 -6.04 -0.30 -5.06
CA MET A 191 -5.28 0.19 -3.91
C MET A 191 -5.93 1.39 -3.22
N VAL A 192 -6.99 1.96 -3.81
CA VAL A 192 -7.70 3.06 -3.15
C VAL A 192 -9.17 2.75 -2.86
N ASP A 193 -9.80 1.94 -3.70
CA ASP A 193 -11.23 1.64 -3.55
C ASP A 193 -11.61 0.37 -4.27
N ASN A 194 -11.21 -0.76 -3.70
CA ASN A 194 -11.40 -2.06 -4.34
C ASN A 194 -12.85 -2.53 -4.35
N ILE A 195 -13.64 -2.03 -3.40
CA ILE A 195 -15.05 -2.38 -3.29
C ILE A 195 -15.83 -1.08 -3.17
N PRO A 196 -16.10 -0.43 -4.33
CA PRO A 196 -16.66 0.92 -4.37
C PRO A 196 -18.13 1.02 -3.98
N VAL A 197 -18.43 0.73 -2.71
CA VAL A 197 -19.78 0.80 -2.20
C VAL A 197 -20.33 2.21 -2.26
N ASP A 198 -19.50 3.18 -1.85
CA ASP A 198 -19.94 4.57 -1.80
C ASP A 198 -20.07 5.21 -3.18
N VAL A 199 -19.35 4.70 -4.17
CA VAL A 199 -19.50 5.16 -5.55
C VAL A 199 -20.91 4.80 -6.04
N ALA A 200 -21.26 3.52 -5.85
CA ALA A 200 -22.59 3.03 -6.19
C ALA A 200 -23.66 3.82 -5.45
N ARG A 201 -23.47 4.07 -4.16
CA ARG A 201 -24.43 4.87 -3.41
C ARG A 201 -24.54 6.28 -3.98
N ASP A 202 -23.42 6.85 -4.40
CA ASP A 202 -23.40 8.18 -4.98
C ASP A 202 -24.15 8.20 -6.31
N MET A 203 -24.32 7.04 -6.92
CA MET A 203 -25.15 6.97 -8.12
C MET A 203 -26.66 7.05 -7.80
N GLY A 204 -27.01 7.09 -6.52
CA GLY A 204 -28.38 7.33 -6.11
C GLY A 204 -29.22 6.15 -5.67
N VAL A 205 -28.60 4.96 -5.60
CA VAL A 205 -29.32 3.76 -5.21
C VAL A 205 -29.65 3.73 -3.71
N ASP A 206 -30.64 2.92 -3.34
CA ASP A 206 -31.08 2.81 -1.95
C ASP A 206 -30.41 1.63 -1.26
N VAL A 207 -30.14 0.59 -2.02
CA VAL A 207 -29.58 -0.64 -1.50
C VAL A 207 -28.45 -1.10 -2.42
N VAL A 208 -27.41 -1.70 -1.85
CA VAL A 208 -26.34 -2.25 -2.67
C VAL A 208 -26.25 -3.76 -2.51
N ILE A 209 -26.05 -4.45 -3.63
CA ILE A 209 -25.65 -5.84 -3.60
C ILE A 209 -24.15 -5.80 -3.89
N VAL A 210 -23.36 -6.30 -2.96
CA VAL A 210 -21.92 -6.17 -3.04
C VAL A 210 -21.27 -7.53 -3.20
N VAL A 211 -20.49 -7.70 -4.27
CA VAL A 211 -19.78 -8.95 -4.48
C VAL A 211 -18.30 -8.78 -4.15
N ASP A 212 -17.83 -9.53 -3.15
CA ASP A 212 -16.45 -9.46 -2.71
C ASP A 212 -15.75 -10.79 -2.98
N ILE A 213 -14.89 -10.81 -3.99
CA ILE A 213 -14.21 -12.04 -4.40
C ILE A 213 -12.94 -12.29 -3.58
N GLY A 214 -12.57 -11.31 -2.76
CA GLY A 214 -11.43 -11.45 -1.87
C GLY A 214 -10.09 -11.19 -2.54
N ASN A 215 -9.10 -10.84 -1.72
CA ASN A 215 -7.73 -10.66 -2.18
C ASN A 215 -6.80 -11.37 -1.21
N PRO A 216 -6.61 -12.69 -1.42
CA PRO A 216 -5.88 -13.52 -0.46
C PRO A 216 -4.39 -13.19 -0.44
N LEU A 217 -3.83 -13.10 0.77
CA LEU A 217 -2.40 -12.88 0.94
C LEU A 217 -1.65 -14.15 0.57
N ARG A 218 -0.35 -14.01 0.30
CA ARG A 218 0.46 -15.18 -0.02
C ARG A 218 1.20 -15.68 1.21
N ASP A 219 1.46 -16.99 1.25
CA ASP A 219 2.25 -17.56 2.33
C ASP A 219 3.71 -17.17 2.13
N ARG A 220 4.50 -17.28 3.19
CA ARG A 220 5.91 -16.87 3.13
C ARG A 220 6.74 -17.67 2.15
N LYS A 221 6.16 -18.77 1.66
CA LYS A 221 6.82 -19.59 0.64
C LYS A 221 6.58 -19.01 -0.76
N ASP A 222 5.48 -18.26 -0.90
CA ASP A 222 5.14 -17.65 -2.18
C ASP A 222 5.58 -16.20 -2.25
N LEU A 223 6.51 -15.82 -1.38
CA LEU A 223 7.07 -14.47 -1.38
C LEU A 223 8.57 -14.56 -1.64
N SER A 224 8.92 -15.21 -2.75
CA SER A 224 10.30 -15.53 -3.07
C SER A 224 11.05 -14.44 -3.83
N THR A 225 10.30 -13.58 -4.53
CA THR A 225 10.93 -12.53 -5.33
C THR A 225 10.49 -11.13 -4.91
N VAL A 226 11.17 -10.12 -5.45
CA VAL A 226 10.86 -8.72 -5.18
C VAL A 226 9.43 -8.40 -5.62
N LEU A 227 9.09 -8.85 -6.83
CA LEU A 227 7.76 -8.68 -7.38
C LEU A 227 6.68 -9.19 -6.42
N ASP A 228 6.92 -10.34 -5.82
CA ASP A 228 5.98 -10.93 -4.88
C ASP A 228 5.79 -10.05 -3.64
N VAL A 229 6.89 -9.49 -3.14
CA VAL A 229 6.85 -8.62 -1.97
C VAL A 229 6.03 -7.35 -2.29
N MET A 230 6.30 -6.75 -3.44
CA MET A 230 5.60 -5.56 -3.88
C MET A 230 4.09 -5.83 -4.01
N ASN A 231 3.78 -6.89 -4.73
CA ASN A 231 2.39 -7.30 -4.92
C ASN A 231 1.68 -7.59 -3.60
N GLN A 232 2.42 -8.16 -2.65
CA GLN A 232 1.87 -8.45 -1.34
C GLN A 232 1.52 -7.15 -0.63
N SER A 233 2.42 -6.17 -0.72
CA SER A 233 2.19 -4.85 -0.13
C SER A 233 0.90 -4.24 -0.68
N ILE A 234 0.79 -4.23 -2.00
CA ILE A 234 -0.41 -3.77 -2.68
C ILE A 234 -1.67 -4.53 -2.20
N THR A 235 -1.53 -5.83 -2.01
CA THR A 235 -2.63 -6.65 -1.49
C THR A 235 -3.08 -6.16 -0.12
N LEU A 236 -2.13 -5.90 0.76
CA LEU A 236 -2.42 -5.35 2.10
C LEU A 236 -3.22 -4.04 2.02
N MET A 237 -2.71 -3.11 1.23
CA MET A 237 -3.40 -1.84 0.95
C MET A 237 -4.87 -2.06 0.56
N THR A 238 -5.03 -2.90 -0.45
CA THR A 238 -6.31 -3.23 -1.04
C THR A 238 -7.28 -3.79 -0.01
N ARG A 239 -6.76 -4.70 0.81
CA ARG A 239 -7.54 -5.34 1.86
C ARG A 239 -8.01 -4.33 2.88
N LYS A 240 -7.14 -3.39 3.24
CA LYS A 240 -7.52 -2.36 4.19
C LYS A 240 -8.69 -1.49 3.67
N ASN A 241 -8.54 -0.94 2.46
CA ASN A 241 -9.65 -0.11 1.95
C ASN A 241 -10.95 -0.92 1.73
N SER A 242 -10.78 -2.20 1.37
CA SER A 242 -11.91 -3.10 1.19
C SER A 242 -12.66 -3.34 2.49
N GLU A 243 -11.92 -3.62 3.56
CA GLU A 243 -12.51 -3.79 4.88
C GLU A 243 -13.27 -2.54 5.29
N ALA A 244 -12.64 -1.38 5.07
CA ALA A 244 -13.28 -0.12 5.46
C ALA A 244 -14.61 0.09 4.73
N GLN A 245 -14.62 -0.17 3.43
CA GLN A 245 -15.88 -0.04 2.67
C GLN A 245 -16.93 -1.08 3.09
N LEU A 246 -16.48 -2.29 3.40
CA LEU A 246 -17.42 -3.32 3.84
C LEU A 246 -18.04 -2.98 5.20
N ALA A 247 -17.31 -2.25 6.03
CA ALA A 247 -17.84 -1.84 7.34
C ALA A 247 -19.00 -0.85 7.21
N THR A 248 -19.19 -0.28 6.02
CA THR A 248 -20.23 0.72 5.82
C THR A 248 -21.56 0.13 5.34
N LEU A 249 -21.57 -1.18 5.10
CA LEU A 249 -22.80 -1.85 4.69
C LEU A 249 -23.87 -1.76 5.79
N LYS A 250 -25.11 -1.60 5.38
CA LYS A 250 -26.23 -1.34 6.29
C LYS A 250 -27.32 -2.38 6.09
N PRO A 251 -28.26 -2.49 7.05
CA PRO A 251 -29.41 -3.37 6.83
C PRO A 251 -30.11 -3.06 5.51
N GLY A 252 -30.38 -4.09 4.72
CA GLY A 252 -30.93 -3.92 3.39
C GLY A 252 -29.91 -4.31 2.34
N ASP A 253 -28.66 -3.93 2.56
CA ASP A 253 -27.57 -4.32 1.69
C ASP A 253 -27.35 -5.82 1.77
N VAL A 254 -26.95 -6.42 0.65
CA VAL A 254 -26.66 -7.85 0.61
C VAL A 254 -25.19 -8.08 0.24
N LEU A 255 -24.47 -8.77 1.11
CA LEU A 255 -23.06 -9.10 0.83
C LEU A 255 -22.91 -10.53 0.33
N ILE A 256 -22.33 -10.67 -0.84
CA ILE A 256 -22.05 -11.95 -1.46
C ILE A 256 -20.55 -12.19 -1.51
N GLN A 257 -20.10 -13.27 -0.89
CA GLN A 257 -18.67 -13.61 -0.90
C GLN A 257 -18.47 -15.02 -1.44
N PRO A 258 -18.35 -15.15 -2.78
CA PRO A 258 -18.20 -16.47 -3.41
C PRO A 258 -17.05 -17.26 -2.81
N PRO A 259 -17.25 -18.57 -2.60
CA PRO A 259 -16.23 -19.45 -2.03
C PRO A 259 -15.08 -19.66 -3.01
N LEU A 260 -13.97 -18.96 -2.80
CA LEU A 260 -12.88 -18.98 -3.77
C LEU A 260 -11.52 -19.32 -3.14
N SER A 261 -11.53 -20.00 -2.01
CA SER A 261 -10.29 -20.36 -1.34
C SER A 261 -9.52 -21.37 -2.20
N GLY A 262 -8.31 -21.00 -2.59
CA GLY A 262 -7.47 -21.89 -3.37
C GLY A 262 -7.30 -21.44 -4.81
N TYR A 263 -8.16 -20.53 -5.25
CA TYR A 263 -8.07 -19.99 -6.59
C TYR A 263 -7.03 -18.89 -6.69
N GLY A 264 -6.03 -19.09 -7.53
CA GLY A 264 -4.97 -18.11 -7.72
C GLY A 264 -5.47 -16.87 -8.42
N THR A 265 -4.69 -15.80 -8.34
CA THR A 265 -5.09 -14.53 -8.95
C THR A 265 -4.98 -14.58 -10.47
N THR A 266 -4.10 -15.43 -10.98
CA THR A 266 -3.90 -15.55 -12.42
C THR A 266 -4.33 -16.92 -12.93
N ASP A 267 -5.26 -17.55 -12.23
CA ASP A 267 -5.69 -18.91 -12.55
C ASP A 267 -6.86 -18.92 -13.54
N PHE A 268 -6.55 -18.73 -14.82
CA PHE A 268 -7.58 -18.70 -15.86
C PHE A 268 -7.85 -20.09 -16.45
N GLY A 269 -7.27 -21.12 -15.83
CA GLY A 269 -7.47 -22.48 -16.31
C GLY A 269 -8.66 -23.14 -15.64
N ARG A 270 -9.38 -22.37 -14.84
CA ARG A 270 -10.54 -22.90 -14.12
C ARG A 270 -11.73 -21.96 -14.22
N VAL A 271 -11.93 -21.40 -15.41
CA VAL A 271 -13.06 -20.49 -15.67
C VAL A 271 -14.44 -21.07 -15.35
N PRO A 272 -14.71 -22.34 -15.71
CA PRO A 272 -15.99 -22.94 -15.30
C PRO A 272 -16.25 -22.90 -13.80
N GLN A 273 -15.27 -23.27 -13.00
CA GLN A 273 -15.44 -23.29 -11.54
C GLN A 273 -15.58 -21.90 -10.96
N LEU A 274 -14.81 -20.96 -11.51
CA LEU A 274 -14.86 -19.57 -11.08
C LEU A 274 -16.25 -18.98 -11.25
N ILE A 275 -16.81 -19.14 -12.45
CA ILE A 275 -18.16 -18.64 -12.74
C ILE A 275 -19.20 -19.32 -11.85
N ASP A 276 -19.07 -20.63 -11.67
CA ASP A 276 -20.04 -21.39 -10.90
C ASP A 276 -20.02 -21.02 -9.42
N ALA A 277 -18.84 -20.67 -8.91
CA ALA A 277 -18.70 -20.27 -7.53
C ALA A 277 -19.51 -19.00 -7.26
N GLY A 278 -19.41 -18.04 -8.17
CA GLY A 278 -20.18 -16.82 -8.06
C GLY A 278 -21.66 -17.09 -8.21
N TYR A 279 -21.99 -18.05 -9.08
CA TYR A 279 -23.38 -18.41 -9.32
C TYR A 279 -24.03 -19.11 -8.11
N ARG A 280 -23.30 -20.04 -7.50
CA ARG A 280 -23.85 -20.78 -6.37
C ARG A 280 -24.00 -19.91 -5.13
N ALA A 281 -23.06 -18.99 -4.94
CA ALA A 281 -23.09 -18.09 -3.79
C ALA A 281 -24.28 -17.14 -3.85
N THR A 282 -24.72 -16.83 -5.06
CA THR A 282 -25.85 -15.93 -5.24
C THR A 282 -27.16 -16.70 -5.21
N THR A 283 -27.12 -17.94 -5.71
CA THR A 283 -28.29 -18.79 -5.75
C THR A 283 -28.79 -19.14 -4.35
N VAL A 284 -27.87 -19.37 -3.42
CA VAL A 284 -28.23 -19.74 -2.06
C VAL A 284 -28.87 -18.57 -1.31
N LEU A 285 -28.69 -17.37 -1.83
CA LEU A 285 -29.23 -16.17 -1.21
C LEU A 285 -30.54 -15.72 -1.86
N ALA A 286 -31.10 -16.57 -2.72
CA ALA A 286 -32.30 -16.23 -3.48
C ALA A 286 -33.49 -15.87 -2.59
N ALA A 287 -33.57 -16.50 -1.41
CA ALA A 287 -34.64 -16.19 -0.46
C ALA A 287 -34.57 -14.73 -0.01
N ARG A 288 -33.35 -14.28 0.31
CA ARG A 288 -33.15 -12.91 0.80
C ARG A 288 -33.20 -11.90 -0.34
N LEU A 289 -32.64 -12.27 -1.49
CA LEU A 289 -32.63 -11.39 -2.66
C LEU A 289 -34.03 -11.14 -3.21
N ALA A 290 -34.91 -12.12 -3.03
CA ALA A 290 -36.27 -12.03 -3.55
C ALA A 290 -37.04 -10.86 -2.94
N GLU A 291 -36.64 -10.44 -1.74
CA GLU A 291 -37.29 -9.34 -1.05
C GLU A 291 -37.05 -7.99 -1.73
N LEU A 292 -36.15 -7.99 -2.71
CA LEU A 292 -35.86 -6.78 -3.49
C LEU A 292 -36.80 -6.66 -4.69
N ARG B 3 10.19 15.79 36.40
CA ARG B 3 10.29 15.93 34.95
C ARG B 3 9.74 14.70 34.23
N PRO B 4 9.06 14.93 33.10
CA PRO B 4 8.40 13.86 32.34
C PRO B 4 9.38 12.97 31.58
N LYS B 5 9.02 11.71 31.37
CA LYS B 5 9.80 10.80 30.55
C LYS B 5 9.57 11.17 29.08
N ILE B 6 10.66 11.25 28.33
CA ILE B 6 10.59 11.69 26.93
C ILE B 6 10.91 10.56 25.96
N GLY B 7 9.96 10.26 25.08
CA GLY B 7 10.17 9.28 24.04
C GLY B 7 10.54 9.97 22.74
N LEU B 8 11.45 9.38 21.98
CA LEU B 8 11.82 9.93 20.68
C LEU B 8 11.39 8.97 19.58
N VAL B 9 10.64 9.48 18.62
CA VAL B 9 10.10 8.68 17.53
C VAL B 9 10.75 9.13 16.23
N LEU B 10 11.47 8.24 15.57
CA LEU B 10 12.19 8.58 14.34
C LEU B 10 11.57 7.88 13.14
N SER B 11 10.92 8.65 12.28
CA SER B 11 10.19 8.09 11.16
C SER B 11 11.12 7.40 10.15
N GLY B 12 10.53 6.55 9.32
CA GLY B 12 11.30 5.73 8.41
C GLY B 12 11.64 6.40 7.09
N GLY B 13 12.59 5.79 6.38
CA GLY B 13 13.04 6.32 5.11
C GLY B 13 14.42 5.78 4.80
N ALA B 14 15.08 6.38 3.81
CA ALA B 14 16.45 6.02 3.50
C ALA B 14 17.36 7.22 3.74
N ALA B 15 17.81 7.86 2.67
CA ALA B 15 18.75 8.98 2.77
C ALA B 15 18.26 10.09 3.71
N ARG B 16 16.98 10.43 3.57
CA ARG B 16 16.38 11.49 4.39
C ARG B 16 16.51 11.21 5.88
N GLY B 17 16.60 9.92 6.22
CA GLY B 17 16.74 9.50 7.60
C GLY B 17 17.98 10.08 8.27
N LEU B 18 18.97 10.46 7.48
CA LEU B 18 20.18 11.04 8.05
C LEU B 18 19.88 12.35 8.78
N ALA B 19 18.77 12.99 8.42
CA ALA B 19 18.36 14.21 9.10
C ALA B 19 18.16 13.96 10.59
N HIS B 20 17.80 12.73 10.96
CA HIS B 20 17.66 12.36 12.36
C HIS B 20 18.92 12.69 13.16
N ILE B 21 20.08 12.45 12.56
CA ILE B 21 21.36 12.76 13.22
C ILE B 21 21.38 14.22 13.64
N GLY B 22 21.00 15.11 12.73
CA GLY B 22 20.95 16.53 13.03
C GLY B 22 20.06 16.81 14.22
N VAL B 23 18.89 16.17 14.23
CA VAL B 23 17.96 16.34 15.33
C VAL B 23 18.66 15.98 16.63
N LEU B 24 19.34 14.82 16.61
CA LEU B 24 19.99 14.34 17.81
C LEU B 24 21.01 15.36 18.25
N LYS B 25 21.75 15.88 17.27
CA LYS B 25 22.82 16.83 17.57
C LYS B 25 22.23 18.02 18.31
N ALA B 26 21.05 18.45 17.87
CA ALA B 26 20.43 19.60 18.48
C ALA B 26 19.83 19.23 19.83
N LEU B 27 19.24 18.04 19.92
CA LEU B 27 18.59 17.61 21.16
C LEU B 27 19.58 17.58 22.31
N ASP B 28 20.74 16.97 22.06
CA ASP B 28 21.80 16.93 23.05
C ASP B 28 22.30 18.32 23.37
N GLU B 29 22.31 19.19 22.36
CA GLU B 29 22.85 20.53 22.54
C GLU B 29 21.94 21.35 23.42
N GLN B 30 20.64 21.10 23.33
CA GLN B 30 19.65 21.79 24.16
C GLN B 30 19.44 21.10 25.51
N GLY B 31 20.17 20.01 25.75
CA GLY B 31 20.07 19.30 27.00
C GLY B 31 18.73 18.62 27.22
N ILE B 32 18.18 18.05 26.16
CA ILE B 32 16.94 17.29 26.25
C ILE B 32 17.27 15.82 26.43
N GLN B 33 16.91 15.26 27.58
CA GLN B 33 17.17 13.85 27.83
C GLN B 33 16.11 12.95 27.19
N ILE B 34 16.57 12.00 26.39
CA ILE B 34 15.69 11.02 25.76
C ILE B 34 15.65 9.75 26.60
N ASP B 35 14.45 9.31 26.96
CA ASP B 35 14.29 8.15 27.84
C ASP B 35 13.88 6.89 27.09
N ALA B 36 13.50 7.04 25.82
CA ALA B 36 13.08 5.91 25.00
C ALA B 36 13.10 6.28 23.53
N ILE B 37 13.44 5.31 22.67
CA ILE B 37 13.49 5.56 21.23
C ILE B 37 12.78 4.45 20.46
N ALA B 38 11.88 4.83 19.56
CA ALA B 38 11.22 3.88 18.67
C ALA B 38 11.49 4.28 17.23
N GLY B 39 11.85 3.32 16.38
CA GLY B 39 12.21 3.67 15.02
C GLY B 39 11.86 2.68 13.93
N THR B 40 11.79 3.20 12.71
CA THR B 40 11.56 2.38 11.52
C THR B 40 12.64 2.71 10.49
N SER B 41 13.11 1.68 9.78
CA SER B 41 14.21 1.80 8.79
C SER B 41 15.35 2.73 9.23
N MET B 42 15.61 3.80 8.49
CA MET B 42 16.75 4.66 8.82
C MET B 42 16.58 5.33 10.19
N GLY B 43 15.32 5.52 10.59
CA GLY B 43 15.02 5.98 11.94
C GLY B 43 15.48 4.95 12.96
N ALA B 44 15.34 3.68 12.62
CA ALA B 44 15.78 2.60 13.50
C ALA B 44 17.30 2.46 13.48
N VAL B 45 17.93 2.80 12.36
CA VAL B 45 19.37 2.74 12.25
C VAL B 45 20.01 3.83 13.10
N VAL B 46 19.62 5.08 12.86
CA VAL B 46 20.14 6.20 13.62
C VAL B 46 19.77 6.09 15.10
N GLY B 47 18.50 5.82 15.35
CA GLY B 47 18.00 5.68 16.71
C GLY B 47 18.65 4.55 17.48
N GLY B 48 18.88 3.43 16.78
CA GLY B 48 19.45 2.25 17.39
C GLY B 48 20.93 2.40 17.69
N LEU B 49 21.65 3.00 16.75
CA LEU B 49 23.05 3.31 16.99
C LEU B 49 23.19 4.28 18.15
N TYR B 50 22.30 5.27 18.19
CA TYR B 50 22.29 6.25 19.27
C TYR B 50 22.00 5.61 20.63
N ALA B 51 21.02 4.70 20.65
CA ALA B 51 20.64 3.99 21.86
C ALA B 51 21.75 3.08 22.37
N SER B 52 22.62 2.65 21.46
CA SER B 52 23.71 1.75 21.85
C SER B 52 24.92 2.54 22.36
N GLY B 53 24.80 3.86 22.41
CA GLY B 53 25.84 4.67 23.03
C GLY B 53 26.60 5.61 22.10
N TYR B 54 26.37 5.51 20.81
CA TYR B 54 27.02 6.42 19.86
C TYR B 54 26.55 7.87 20.08
N THR B 55 27.48 8.80 19.98
CA THR B 55 27.16 10.22 20.10
C THR B 55 26.73 10.79 18.74
N PRO B 56 26.00 11.91 18.74
CA PRO B 56 25.58 12.51 17.46
C PRO B 56 26.77 12.90 16.58
N ALA B 57 27.85 13.37 17.18
CA ALA B 57 29.06 13.72 16.44
C ALA B 57 29.65 12.50 15.73
N GLU B 58 29.67 11.37 16.44
CA GLU B 58 30.16 10.12 15.89
C GLU B 58 29.26 9.62 14.75
N LEU B 59 27.95 9.73 14.95
CA LEU B 59 27.00 9.37 13.90
C LEU B 59 27.21 10.23 12.65
N GLU B 60 27.45 11.51 12.85
CA GLU B 60 27.70 12.43 11.74
C GLU B 60 28.98 12.03 11.00
N ARG B 61 30.04 11.73 11.76
CA ARG B 61 31.29 11.31 11.15
C ARG B 61 31.09 10.03 10.31
N ILE B 62 30.37 9.07 10.88
CA ILE B 62 30.07 7.82 10.21
C ILE B 62 29.32 8.07 8.90
N ALA B 63 28.24 8.85 8.96
CA ALA B 63 27.44 9.16 7.80
C ALA B 63 28.25 9.88 6.73
N LEU B 64 29.09 10.82 7.15
CA LEU B 64 29.89 11.60 6.23
C LEU B 64 30.99 10.79 5.55
N GLU B 65 31.50 9.77 6.24
CA GLU B 65 32.59 8.97 5.69
C GLU B 65 32.14 7.64 5.08
N MET B 66 30.83 7.42 5.01
CA MET B 66 30.28 6.15 4.53
C MET B 66 30.26 6.06 3.01
N ASP B 67 30.57 4.88 2.47
CA ASP B 67 30.41 4.62 1.05
C ASP B 67 29.03 4.02 0.80
N TRP B 68 28.06 4.89 0.51
CA TRP B 68 26.67 4.48 0.41
C TRP B 68 26.35 3.70 -0.85
N GLN B 69 27.29 3.67 -1.80
CA GLN B 69 27.07 2.95 -3.05
C GLN B 69 27.33 1.44 -2.91
N GLN B 70 26.69 0.83 -1.91
CA GLN B 70 26.75 -0.62 -1.70
C GLN B 70 25.81 -1.05 -0.58
N ASP B 103 6.95 2.69 -20.31
CA ASP B 103 7.05 2.15 -18.95
C ASP B 103 7.97 0.94 -18.90
N GLY B 104 9.22 1.17 -18.49
CA GLY B 104 10.23 0.13 -18.44
C GLY B 104 9.99 -0.90 -17.36
N THR B 105 10.53 -2.10 -17.58
CA THR B 105 10.32 -3.22 -16.65
C THR B 105 11.51 -3.38 -15.71
N LEU B 106 11.23 -3.74 -14.45
CA LEU B 106 12.27 -4.01 -13.47
C LEU B 106 13.18 -5.16 -13.87
N GLY B 111 17.92 -8.07 -3.96
CA GLY B 111 19.22 -7.58 -3.55
C GLY B 111 19.74 -8.23 -2.29
N VAL B 112 20.10 -9.50 -2.39
CA VAL B 112 20.63 -10.25 -1.26
C VAL B 112 22.01 -9.73 -0.83
N ILE B 113 22.84 -9.40 -1.82
CA ILE B 113 24.17 -8.86 -1.58
C ILE B 113 24.12 -7.58 -0.75
N GLN B 114 23.19 -6.70 -1.11
CA GLN B 114 22.96 -5.46 -0.38
C GLN B 114 22.60 -5.75 1.08
N GLY B 115 21.76 -6.75 1.28
CA GLY B 115 21.38 -7.17 2.61
C GLY B 115 22.58 -7.67 3.41
N GLN B 116 23.45 -8.40 2.74
CA GLN B 116 24.64 -8.94 3.38
C GLN B 116 25.61 -7.84 3.81
N ASN B 117 25.77 -6.83 2.94
CA ASN B 117 26.66 -5.71 3.25
C ASN B 117 26.10 -4.81 4.36
N LEU B 118 24.80 -4.59 4.33
CA LEU B 118 24.13 -3.84 5.38
C LEU B 118 24.35 -4.56 6.72
N ALA B 119 24.12 -5.88 6.68
CA ALA B 119 24.35 -6.72 7.84
C ALA B 119 25.77 -6.55 8.35
N MET B 120 26.73 -6.53 7.43
CA MET B 120 28.13 -6.38 7.82
C MET B 120 28.44 -5.05 8.50
N VAL B 121 27.98 -3.94 7.92
CA VAL B 121 28.26 -2.63 8.51
C VAL B 121 27.59 -2.48 9.88
N LEU B 122 26.34 -2.93 9.99
CA LEU B 122 25.63 -2.88 11.27
C LEU B 122 26.29 -3.77 12.33
N GLU B 123 26.69 -4.97 11.95
CA GLU B 123 27.37 -5.89 12.86
C GLU B 123 28.67 -5.28 13.37
N SER B 124 29.40 -4.63 12.46
CA SER B 124 30.66 -3.99 12.80
C SER B 124 30.47 -2.84 13.79
N LEU B 125 29.47 -1.99 13.53
CA LEU B 125 29.22 -0.84 14.39
C LEU B 125 28.73 -1.22 15.78
N LEU B 126 28.19 -2.43 15.91
CA LEU B 126 27.51 -2.84 17.13
C LEU B 126 28.16 -4.04 17.83
N VAL B 127 29.47 -4.21 17.66
CA VAL B 127 30.18 -5.34 18.25
C VAL B 127 30.25 -5.29 19.78
N HIS B 128 29.88 -4.16 20.36
CA HIS B 128 29.92 -4.02 21.81
C HIS B 128 28.65 -4.55 22.48
N THR B 129 27.66 -4.87 21.65
CA THR B 129 26.45 -5.53 22.14
C THR B 129 26.43 -6.96 21.63
N SER B 130 25.99 -7.89 22.49
CA SER B 130 25.87 -9.28 22.10
C SER B 130 24.51 -9.56 21.47
N ASP B 131 24.25 -10.82 21.18
CA ASP B 131 22.89 -11.27 20.87
C ASP B 131 22.25 -11.57 22.22
N ASN B 132 21.03 -12.07 22.21
CA ASN B 132 20.30 -12.39 23.44
C ASN B 132 20.36 -11.25 24.46
N ARG B 133 19.92 -10.06 24.03
CA ARG B 133 19.97 -8.88 24.88
C ARG B 133 18.64 -8.13 24.90
N ASP B 134 18.24 -7.70 26.09
CA ASP B 134 17.02 -6.92 26.28
C ASP B 134 17.26 -5.49 25.82
N PHE B 135 16.48 -5.03 24.83
CA PHE B 135 16.67 -3.70 24.27
C PHE B 135 16.34 -2.59 25.28
N ASP B 136 15.65 -2.93 26.35
CA ASP B 136 15.42 -1.99 27.44
C ASP B 136 16.69 -1.77 28.27
N LYS B 137 17.67 -2.64 28.11
CA LYS B 137 18.91 -2.54 28.87
C LYS B 137 20.02 -1.81 28.12
N LEU B 138 19.71 -1.33 26.93
CA LEU B 138 20.64 -0.46 26.19
C LEU B 138 20.80 0.86 26.95
N ALA B 139 21.79 1.66 26.53
CA ALA B 139 22.02 2.96 27.15
C ALA B 139 20.74 3.80 27.15
N ILE B 140 19.95 3.63 26.11
CA ILE B 140 18.60 4.18 26.05
C ILE B 140 17.69 3.11 25.47
N PRO B 141 16.61 2.76 26.20
CA PRO B 141 15.64 1.76 25.74
C PRO B 141 15.22 1.99 24.29
N PHE B 142 15.17 0.92 23.51
CA PHE B 142 14.99 1.03 22.07
C PHE B 142 14.01 0.00 21.52
N ARG B 143 13.24 0.40 20.52
CA ARG B 143 12.35 -0.51 19.79
C ARG B 143 12.51 -0.32 18.30
N ALA B 144 12.56 -1.42 17.56
CA ALA B 144 12.62 -1.29 16.10
C ALA B 144 11.38 -1.89 15.46
N VAL B 145 10.95 -1.34 14.33
CA VAL B 145 9.70 -1.78 13.72
C VAL B 145 9.87 -2.38 12.32
N SER B 146 9.25 -3.54 12.11
CA SER B 146 9.28 -4.21 10.82
C SER B 146 7.89 -4.65 10.41
N THR B 147 7.77 -5.13 9.18
CA THR B 147 6.52 -5.70 8.71
C THR B 147 6.71 -7.18 8.42
N ASP B 148 5.85 -8.01 8.99
CA ASP B 148 5.76 -9.41 8.59
C ASP B 148 5.11 -9.41 7.22
N ILE B 149 5.90 -9.69 6.19
CA ILE B 149 5.40 -9.60 4.82
C ILE B 149 4.37 -10.69 4.49
N ALA B 150 4.35 -11.77 5.28
CA ALA B 150 3.39 -12.84 5.04
C ALA B 150 2.00 -12.49 5.56
N THR B 151 1.93 -11.77 6.68
CA THR B 151 0.66 -11.48 7.33
C THR B 151 0.30 -10.01 7.23
N GLY B 152 1.31 -9.16 7.10
CA GLY B 152 1.10 -7.72 7.07
C GLY B 152 1.13 -7.14 8.46
N GLU B 153 1.31 -8.01 9.45
CA GLU B 153 1.36 -7.60 10.85
C GLU B 153 2.59 -6.76 11.17
N LYS B 154 2.43 -5.82 12.09
CA LYS B 154 3.55 -5.07 12.62
C LYS B 154 4.36 -5.99 13.53
N VAL B 155 5.69 -5.93 13.41
CA VAL B 155 6.57 -6.69 14.28
C VAL B 155 7.53 -5.76 15.01
N VAL B 156 7.44 -5.72 16.33
CA VAL B 156 8.26 -4.81 17.12
C VAL B 156 9.35 -5.55 17.89
N PHE B 157 10.60 -5.20 17.58
CA PHE B 157 11.76 -5.79 18.24
C PHE B 157 12.10 -5.03 19.51
N ARG B 158 12.16 -5.81 20.61
CA ARG B 158 12.46 -5.32 21.95
C ARG B 158 13.56 -6.16 22.60
N LYS B 159 14.05 -7.17 21.87
CA LYS B 159 15.12 -8.03 22.37
C LYS B 159 15.73 -8.86 21.25
N GLY B 160 16.90 -9.43 21.52
CA GLY B 160 17.60 -10.25 20.53
C GLY B 160 18.92 -9.66 20.11
N HIS B 161 19.24 -9.82 18.83
CA HIS B 161 20.48 -9.26 18.29
C HIS B 161 20.16 -7.93 17.65
N LEU B 162 20.59 -6.84 18.30
CA LEU B 162 20.34 -5.48 17.82
C LEU B 162 20.64 -5.23 16.33
N PRO B 163 21.83 -5.67 15.85
CA PRO B 163 22.12 -5.47 14.42
C PRO B 163 21.10 -6.17 13.52
N GLN B 164 20.65 -7.34 13.94
CA GLN B 164 19.69 -8.10 13.15
C GLN B 164 18.32 -7.42 13.12
N ALA B 165 17.91 -6.89 14.28
CA ALA B 165 16.63 -6.19 14.38
C ALA B 165 16.64 -4.92 13.53
N ILE B 166 17.71 -4.15 13.65
CA ILE B 166 17.84 -2.93 12.88
C ILE B 166 17.86 -3.25 11.38
N ARG B 167 18.60 -4.29 11.02
CA ARG B 167 18.65 -4.79 9.65
C ARG B 167 17.24 -5.13 9.13
N ALA B 168 16.45 -5.82 9.94
CA ALA B 168 15.08 -6.15 9.57
C ALA B 168 14.27 -4.89 9.34
N SER B 169 14.43 -3.91 10.23
CA SER B 169 13.66 -2.67 10.13
C SER B 169 14.03 -1.89 8.88
N MET B 170 15.23 -2.16 8.37
CA MET B 170 15.81 -1.43 7.25
C MET B 170 15.59 -2.18 5.93
N SER B 171 14.89 -3.31 5.99
CA SER B 171 14.72 -4.14 4.80
C SER B 171 13.71 -3.55 3.81
N ILE B 172 14.12 -2.46 3.15
CA ILE B 172 13.28 -1.84 2.13
C ILE B 172 13.19 -2.75 0.92
N PRO B 173 11.96 -3.15 0.54
CA PRO B 173 11.77 -3.98 -0.65
C PRO B 173 12.37 -3.32 -1.88
N ALA B 174 12.93 -4.14 -2.78
CA ALA B 174 13.60 -3.68 -4.00
C ALA B 174 14.97 -3.02 -3.73
N VAL B 175 15.40 -3.02 -2.47
CA VAL B 175 16.72 -2.52 -2.14
C VAL B 175 17.46 -3.57 -1.31
N PHE B 176 16.80 -4.08 -0.28
CA PHE B 176 17.37 -5.12 0.57
C PHE B 176 16.43 -6.31 0.64
N ALA B 177 17.00 -7.50 0.47
CA ALA B 177 16.24 -8.73 0.57
C ALA B 177 15.63 -8.84 1.97
N PRO B 178 14.43 -9.44 2.06
CA PRO B 178 13.79 -9.66 3.36
C PRO B 178 14.62 -10.58 4.26
N VAL B 179 14.53 -10.38 5.56
CA VAL B 179 15.27 -11.21 6.51
C VAL B 179 14.33 -12.09 7.30
N GLU B 180 14.85 -13.19 7.82
CA GLU B 180 14.07 -14.12 8.63
C GLU B 180 14.44 -13.99 10.10
N ILE B 181 13.44 -13.78 10.94
CA ILE B 181 13.64 -13.78 12.40
C ILE B 181 12.49 -14.49 13.09
N ASP B 182 12.83 -15.48 13.91
CA ASP B 182 11.85 -16.28 14.66
C ASP B 182 10.74 -16.84 13.78
N GLY B 183 11.11 -17.36 12.61
CA GLY B 183 10.16 -17.99 11.71
C GLY B 183 9.35 -16.99 10.88
N ARG B 184 9.67 -15.70 11.01
CA ARG B 184 8.95 -14.68 10.26
C ARG B 184 9.80 -14.02 9.18
N LEU B 185 9.21 -13.85 8.01
CA LEU B 185 9.85 -13.14 6.90
C LEU B 185 9.53 -11.65 7.01
N LEU B 186 10.56 -10.83 7.11
CA LEU B 186 10.37 -9.43 7.49
C LEU B 186 10.92 -8.42 6.48
N VAL B 187 10.13 -7.39 6.20
CA VAL B 187 10.60 -6.25 5.44
C VAL B 187 10.51 -5.03 6.36
N ASP B 188 10.85 -3.85 5.84
CA ASP B 188 10.85 -2.65 6.67
C ASP B 188 9.44 -2.32 7.17
N GLY B 189 9.35 -1.54 8.25
CA GLY B 189 8.10 -1.29 8.90
C GLY B 189 7.31 -0.12 8.34
N GLY B 190 7.85 0.52 7.31
CA GLY B 190 7.26 1.72 6.75
C GLY B 190 5.81 1.60 6.37
N MET B 191 5.43 0.47 5.79
CA MET B 191 4.09 0.28 5.25
C MET B 191 3.02 0.05 6.32
N VAL B 192 3.42 -0.36 7.52
CA VAL B 192 2.46 -0.57 8.60
C VAL B 192 2.54 0.48 9.71
N ASP B 193 3.76 0.90 10.05
CA ASP B 193 3.96 1.86 11.12
C ASP B 193 5.23 2.68 10.89
N ASN B 194 5.16 3.60 9.94
CA ASN B 194 6.32 4.42 9.58
C ASN B 194 6.72 5.42 10.67
N ILE B 195 5.74 5.88 11.44
CA ILE B 195 6.00 6.79 12.54
C ILE B 195 5.44 6.18 13.82
N PRO B 196 6.26 5.34 14.48
CA PRO B 196 5.78 4.50 15.58
C PRO B 196 5.59 5.26 16.90
N VAL B 197 4.60 6.13 16.95
CA VAL B 197 4.32 6.92 18.14
C VAL B 197 3.80 6.06 19.30
N ASP B 198 2.80 5.22 19.00
CA ASP B 198 2.20 4.37 20.02
C ASP B 198 3.20 3.35 20.60
N VAL B 199 4.20 2.96 19.82
CA VAL B 199 5.23 2.06 20.31
C VAL B 199 6.05 2.76 21.40
N ALA B 200 6.44 3.99 21.10
CA ALA B 200 7.17 4.82 22.06
C ALA B 200 6.35 5.02 23.33
N ARG B 201 5.07 5.31 23.17
CA ARG B 201 4.18 5.45 24.32
C ARG B 201 4.09 4.16 25.12
N ASP B 202 4.12 3.03 24.41
CA ASP B 202 4.06 1.73 25.05
C ASP B 202 5.33 1.44 25.84
N MET B 203 6.42 2.14 25.50
CA MET B 203 7.61 2.11 26.34
C MET B 203 7.45 2.96 27.62
N GLY B 204 6.24 3.46 27.85
CA GLY B 204 5.92 4.14 29.09
C GLY B 204 6.37 5.58 29.24
N VAL B 205 6.44 6.32 28.13
CA VAL B 205 6.81 7.73 28.20
C VAL B 205 5.59 8.63 28.36
N ASP B 206 5.81 9.85 28.83
CA ASP B 206 4.74 10.82 29.05
C ASP B 206 4.55 11.72 27.84
N VAL B 207 5.65 12.09 27.21
CA VAL B 207 5.66 13.00 26.08
C VAL B 207 6.51 12.40 24.97
N VAL B 208 6.16 12.67 23.71
CA VAL B 208 6.99 12.23 22.60
C VAL B 208 7.46 13.39 21.72
N ILE B 209 8.70 13.29 21.26
CA ILE B 209 9.23 14.15 20.22
C ILE B 209 9.24 13.32 18.95
N VAL B 210 8.53 13.79 17.92
CA VAL B 210 8.29 12.98 16.74
C VAL B 210 8.92 13.60 15.50
N VAL B 211 9.87 12.92 14.90
CA VAL B 211 10.55 13.45 13.71
C VAL B 211 10.02 12.81 12.44
N ASP B 212 9.32 13.59 11.64
CA ASP B 212 8.79 13.14 10.36
C ASP B 212 9.65 13.68 9.22
N ILE B 213 10.52 12.84 8.68
CA ILE B 213 11.39 13.25 7.59
C ILE B 213 10.69 13.15 6.24
N GLY B 214 9.44 12.68 6.27
CA GLY B 214 8.58 12.70 5.11
C GLY B 214 8.81 11.53 4.16
N ASN B 215 7.83 11.30 3.29
CA ASN B 215 7.91 10.27 2.26
C ASN B 215 7.23 10.78 1.00
N PRO B 216 7.98 11.55 0.20
CA PRO B 216 7.43 12.26 -0.96
C PRO B 216 7.10 11.32 -2.13
N LEU B 217 6.01 11.63 -2.81
CA LEU B 217 5.63 10.92 -4.02
C LEU B 217 6.47 11.41 -5.20
N ARG B 218 6.72 10.54 -6.16
CA ARG B 218 7.38 10.95 -7.39
C ARG B 218 6.36 11.63 -8.30
N ASP B 219 6.81 12.59 -9.09
CA ASP B 219 5.94 13.24 -10.06
C ASP B 219 5.55 12.28 -11.16
N ARG B 220 4.50 12.60 -11.90
CA ARG B 220 4.05 11.77 -13.02
C ARG B 220 5.18 11.53 -14.00
N LYS B 221 5.96 12.58 -14.23
CA LYS B 221 7.07 12.53 -15.18
C LYS B 221 8.21 11.61 -14.71
N ASP B 222 8.28 11.39 -13.40
CA ASP B 222 9.39 10.63 -12.83
C ASP B 222 9.10 9.14 -12.68
N LEU B 223 7.86 8.74 -12.98
CA LEU B 223 7.47 7.33 -12.92
C LEU B 223 7.78 6.64 -14.23
N SER B 224 8.92 5.96 -14.29
CA SER B 224 9.39 5.38 -15.55
C SER B 224 9.37 3.85 -15.56
N THR B 225 9.77 3.25 -14.44
CA THR B 225 9.81 1.80 -14.33
C THR B 225 8.58 1.27 -13.61
N VAL B 226 8.32 -0.02 -13.76
CA VAL B 226 7.28 -0.69 -12.99
C VAL B 226 7.62 -0.57 -11.51
N LEU B 227 8.92 -0.74 -11.22
CA LEU B 227 9.46 -0.54 -9.89
C LEU B 227 9.04 0.80 -9.28
N ASP B 228 9.11 1.85 -10.10
CA ASP B 228 8.71 3.18 -9.65
C ASP B 228 7.25 3.21 -9.21
N VAL B 229 6.40 2.53 -9.97
CA VAL B 229 4.97 2.48 -9.67
C VAL B 229 4.72 1.74 -8.34
N MET B 230 5.33 0.56 -8.21
CA MET B 230 5.21 -0.22 -6.98
C MET B 230 5.64 0.59 -5.77
N ASN B 231 6.83 1.18 -5.89
CA ASN B 231 7.37 2.03 -4.83
C ASN B 231 6.44 3.20 -4.50
N GLN B 232 5.80 3.75 -5.51
CA GLN B 232 4.85 4.84 -5.32
C GLN B 232 3.68 4.37 -4.46
N SER B 233 3.18 3.18 -4.75
CA SER B 233 2.06 2.64 -3.96
C SER B 233 2.46 2.41 -2.50
N ILE B 234 3.65 1.85 -2.31
CA ILE B 234 4.19 1.67 -0.97
C ILE B 234 4.28 3.00 -0.24
N THR B 235 4.72 4.03 -0.97
CA THR B 235 4.83 5.38 -0.42
C THR B 235 3.47 5.88 0.03
N LEU B 236 2.45 5.61 -0.76
CA LEU B 236 1.08 5.98 -0.39
C LEU B 236 0.60 5.33 0.91
N MET B 237 0.72 4.01 1.03
CA MET B 237 0.26 3.35 2.25
C MET B 237 1.06 3.82 3.48
N THR B 238 2.35 4.06 3.24
CA THR B 238 3.24 4.60 4.26
C THR B 238 2.74 5.94 4.77
N ARG B 239 2.35 6.81 3.84
CA ARG B 239 1.84 8.13 4.19
C ARG B 239 0.52 8.05 4.95
N LYS B 240 -0.34 7.12 4.53
CA LYS B 240 -1.59 6.89 5.25
C LYS B 240 -1.36 6.51 6.73
N ASN B 241 -0.59 5.45 6.98
CA ASN B 241 -0.38 5.06 8.38
C ASN B 241 0.36 6.14 9.17
N SER B 242 1.27 6.83 8.48
CA SER B 242 2.02 7.93 9.09
C SER B 242 1.09 9.02 9.59
N GLU B 243 0.16 9.45 8.75
CA GLU B 243 -0.76 10.52 9.13
C GLU B 243 -1.73 10.08 10.21
N ALA B 244 -2.12 8.80 10.17
CA ALA B 244 -2.98 8.27 11.23
C ALA B 244 -2.27 8.34 12.59
N GLN B 245 -0.98 7.99 12.62
CA GLN B 245 -0.23 8.10 13.86
C GLN B 245 -0.01 9.57 14.27
N LEU B 246 0.31 10.41 13.31
CA LEU B 246 0.55 11.82 13.57
C LEU B 246 -0.68 12.53 14.15
N ALA B 247 -1.87 12.12 13.72
CA ALA B 247 -3.08 12.76 14.22
C ALA B 247 -3.34 12.46 15.70
N THR B 248 -2.57 11.53 16.27
CA THR B 248 -2.76 11.16 17.66
C THR B 248 -1.88 11.95 18.63
N LEU B 249 -1.04 12.83 18.11
CA LEU B 249 -0.19 13.65 18.97
C LEU B 249 -1.03 14.56 19.86
N LYS B 250 -0.68 14.59 21.14
CA LYS B 250 -1.39 15.36 22.14
C LYS B 250 -0.64 16.67 22.40
N PRO B 251 -1.29 17.63 23.08
CA PRO B 251 -0.54 18.79 23.57
C PRO B 251 0.57 18.32 24.49
N GLY B 252 1.72 18.98 24.44
CA GLY B 252 2.88 18.51 25.18
C GLY B 252 3.84 17.78 24.27
N ASP B 253 3.30 16.96 23.36
CA ASP B 253 4.13 16.33 22.34
C ASP B 253 4.66 17.39 21.38
N VAL B 254 5.76 17.09 20.70
CA VAL B 254 6.33 18.03 19.72
C VAL B 254 6.70 17.37 18.40
N LEU B 255 6.04 17.79 17.32
CA LEU B 255 6.40 17.35 15.97
C LEU B 255 7.53 18.19 15.39
N ILE B 256 8.58 17.52 14.94
CA ILE B 256 9.70 18.13 14.25
C ILE B 256 9.70 17.64 12.81
N GLN B 257 9.47 18.54 11.87
CA GLN B 257 9.40 18.17 10.47
C GLN B 257 10.47 18.91 9.68
N PRO B 258 11.64 18.26 9.48
CA PRO B 258 12.79 18.86 8.79
C PRO B 258 12.46 19.26 7.37
N PRO B 259 12.99 20.41 6.93
CA PRO B 259 12.75 20.94 5.58
C PRO B 259 13.53 20.16 4.51
N LEU B 260 12.92 19.09 3.99
CA LEU B 260 13.61 18.23 3.04
C LEU B 260 12.94 18.20 1.66
N SER B 261 12.38 19.33 1.25
CA SER B 261 11.57 19.42 0.05
C SER B 261 12.10 18.68 -1.18
N GLY B 262 13.25 19.11 -1.71
CA GLY B 262 13.78 18.54 -2.93
C GLY B 262 14.76 17.39 -2.74
N TYR B 263 14.73 16.76 -1.57
CA TYR B 263 15.71 15.72 -1.24
C TYR B 263 15.25 14.34 -1.68
N GLY B 264 15.98 13.74 -2.62
CA GLY B 264 15.66 12.42 -3.12
C GLY B 264 15.74 11.38 -2.02
N THR B 265 14.94 10.34 -2.13
CA THR B 265 14.85 9.33 -1.08
C THR B 265 16.14 8.51 -0.94
N THR B 266 16.90 8.40 -2.03
CA THR B 266 18.19 7.72 -1.98
C THR B 266 19.32 8.60 -2.49
N ASP B 267 19.24 9.90 -2.20
CA ASP B 267 20.26 10.84 -2.60
C ASP B 267 21.26 11.06 -1.48
N PHE B 268 22.32 10.25 -1.46
CA PHE B 268 23.33 10.32 -0.42
C PHE B 268 24.46 11.28 -0.78
N GLY B 269 24.22 12.13 -1.77
CA GLY B 269 25.24 13.08 -2.21
C GLY B 269 25.19 14.40 -1.45
N ARG B 270 24.27 14.49 -0.49
CA ARG B 270 24.11 15.72 0.28
C ARG B 270 23.92 15.44 1.77
N VAL B 271 24.81 14.62 2.33
CA VAL B 271 24.78 14.30 3.76
C VAL B 271 24.88 15.53 4.68
N PRO B 272 25.80 16.48 4.39
CA PRO B 272 25.83 17.70 5.21
C PRO B 272 24.49 18.43 5.23
N GLN B 273 23.89 18.65 4.07
CA GLN B 273 22.61 19.33 4.00
C GLN B 273 21.53 18.54 4.74
N LEU B 274 21.55 17.22 4.57
CA LEU B 274 20.58 16.35 5.24
C LEU B 274 20.62 16.51 6.76
N ILE B 275 21.83 16.45 7.31
CA ILE B 275 22.01 16.57 8.75
C ILE B 275 21.66 17.98 9.23
N ASP B 276 22.06 18.98 8.46
CA ASP B 276 21.76 20.37 8.83
C ASP B 276 20.26 20.64 8.86
N ALA B 277 19.51 19.99 7.98
CA ALA B 277 18.06 20.16 7.95
C ALA B 277 17.44 19.73 9.27
N GLY B 278 17.88 18.59 9.79
CA GLY B 278 17.37 18.08 11.05
C GLY B 278 17.78 18.98 12.19
N TYR B 279 18.98 19.53 12.09
CA TYR B 279 19.50 20.41 13.12
C TYR B 279 18.73 21.73 13.14
N ARG B 280 18.54 22.32 11.97
CA ARG B 280 17.77 23.55 11.83
C ARG B 280 16.35 23.39 12.36
N ALA B 281 15.70 22.29 11.98
CA ALA B 281 14.31 22.06 12.36
C ALA B 281 14.15 21.99 13.87
N THR B 282 15.13 21.39 14.53
CA THR B 282 15.08 21.23 15.97
C THR B 282 15.45 22.53 16.68
N THR B 283 16.36 23.28 16.07
CA THR B 283 16.77 24.59 16.57
C THR B 283 15.60 25.59 16.53
N VAL B 284 14.80 25.52 15.47
CA VAL B 284 13.65 26.41 15.33
C VAL B 284 12.60 26.14 16.40
N LEU B 285 12.40 24.86 16.72
CA LEU B 285 11.40 24.48 17.71
C LEU B 285 11.95 24.44 19.14
N ALA B 286 13.08 25.13 19.34
CA ALA B 286 13.76 25.13 20.64
C ALA B 286 12.87 25.53 21.81
N ALA B 287 11.98 26.49 21.59
CA ALA B 287 11.12 26.98 22.67
C ALA B 287 10.07 25.96 23.07
N ARG B 288 9.44 25.33 22.08
CA ARG B 288 8.46 24.28 22.32
C ARG B 288 9.13 23.13 23.06
N LEU B 289 10.33 22.76 22.63
CA LEU B 289 11.05 21.63 23.20
C LEU B 289 11.55 21.92 24.61
N ALA B 290 11.92 23.17 24.86
CA ALA B 290 12.40 23.59 26.17
C ALA B 290 11.32 23.36 27.22
N GLU B 291 10.06 23.45 26.79
CA GLU B 291 8.93 23.25 27.69
C GLU B 291 8.77 21.79 28.12
N LEU B 292 9.53 20.88 27.53
CA LEU B 292 9.45 19.47 27.90
C LEU B 292 10.11 19.22 29.25
N ARG B 293 11.34 19.70 29.41
CA ARG B 293 12.04 19.57 30.68
C ARG B 293 11.60 20.66 31.65
#